data_2QGW
#
_entry.id   2QGW
#
_cell.length_a   56.053
_cell.length_b   84.266
_cell.length_c   58.213
_cell.angle_alpha   90.000
_cell.angle_beta   108.480
_cell.angle_gamma   90.000
#
_symmetry.space_group_name_H-M   'P 1 21 1'
#
loop_
_entity.id
_entity.type
_entity.pdbx_description
1 polymer 'Estrogen receptor'
2 polymer 'Nuclear receptor coactivator 2'
3 non-polymer 3-CHLORO-2-(4-HYDROXYPHENYL)-2H-INDAZOL-5-OL
4 water water
#
loop_
_entity_poly.entity_id
_entity_poly.type
_entity_poly.pdbx_seq_one_letter_code
_entity_poly.pdbx_strand_id
1 'polypeptide(L)'
;SIKRSKKNSLALSLTADQMVSALLDAEPPILYSEYDPTRPFSEASMMGLLTNLADRELVHMINWAKRVPGFVDLTLHDQV
HLLECAWLEILMIGLVWRSMEHPGKLLFAPNLLLDRNQGKCVEGMVEIFDMLLATSSRFRMMNLQGEEFVCLKSIILLNS
GVYTFLSSTLKSLEEKDHIHRVLDKITDTLIHLMAKAGLTLQQQHQRLAQLLLILSHIRHMSNKGMEHLYSMKCKNVVPL
SDLLLEMLDAHRLHAPTS
;
A,B
2 'polypeptide(L)' KHKILHRLLQDSS C,D
#
loop_
_chem_comp.id
_chem_comp.type
_chem_comp.name
_chem_comp.formula
EES non-polymer 3-CHLORO-2-(4-HYDROXYPHENYL)-2H-INDAZOL-5-OL 'C13 H9 Cl N2 O2'
#
# COMPACT_ATOMS: atom_id res chain seq x y z
N SER A 9 6.24 13.30 27.00
CA SER A 9 6.41 11.95 26.39
C SER A 9 7.89 11.60 26.23
N LEU A 10 8.18 10.30 26.25
CA LEU A 10 9.58 9.82 26.30
C LEU A 10 10.13 9.25 24.98
N ALA A 11 9.24 8.96 24.03
CA ALA A 11 9.67 8.47 22.71
C ALA A 11 10.11 9.61 21.79
N LEU A 12 9.64 10.82 22.09
CA LEU A 12 10.02 12.00 21.30
C LEU A 12 11.42 12.52 21.63
N SER A 13 12.03 12.03 22.71
CA SER A 13 13.35 12.48 23.14
C SER A 13 14.47 11.46 22.89
N LEU A 14 14.12 10.30 22.34
CA LEU A 14 15.13 9.30 21.95
C LEU A 14 16.09 9.87 20.89
N THR A 15 17.32 9.38 20.90
CA THR A 15 18.23 9.69 19.80
C THR A 15 18.05 8.64 18.72
N ALA A 16 18.59 8.94 17.52
CA ALA A 16 18.56 8.00 16.40
C ALA A 16 19.14 6.63 16.77
N ASP A 17 20.33 6.63 17.38
CA ASP A 17 20.95 5.41 17.91
C ASP A 17 20.07 4.66 18.94
N GLN A 18 19.42 5.43 19.82
CA GLN A 18 18.52 4.86 20.84
C GLN A 18 17.18 4.38 20.28
N MET A 19 16.75 4.91 19.14
CA MET A 19 15.53 4.40 18.50
C MET A 19 15.81 3.00 17.96
N VAL A 20 16.96 2.84 17.31
CA VAL A 20 17.43 1.56 16.78
C VAL A 20 17.53 0.52 17.89
N SER A 21 18.28 0.85 18.93
CA SER A 21 18.46 -0.03 20.09
C SER A 21 17.14 -0.52 20.67
N ALA A 22 16.19 0.40 20.82
CA ALA A 22 14.89 0.07 21.40
C ALA A 22 14.11 -0.89 20.48
N LEU A 23 14.14 -0.62 19.17
CA LEU A 23 13.51 -1.50 18.17
C LEU A 23 14.19 -2.88 18.08
N LEU A 24 15.52 -2.88 18.05
CA LEU A 24 16.28 -4.13 18.04
C LEU A 24 16.06 -4.99 19.28
N ASP A 25 15.78 -4.35 20.41
CA ASP A 25 15.56 -5.04 21.68
C ASP A 25 14.14 -5.59 21.78
N ALA A 26 13.20 -4.87 21.18
CA ALA A 26 11.81 -5.26 21.14
C ALA A 26 11.49 -6.37 20.15
N GLU A 27 12.43 -6.74 19.26
CA GLU A 27 12.18 -7.79 18.26
C GLU A 27 11.59 -9.06 18.86
N PRO A 28 10.56 -9.63 18.20
CA PRO A 28 10.05 -10.92 18.66
C PRO A 28 10.98 -12.08 18.33
N PRO A 29 10.80 -13.21 19.01
CA PRO A 29 11.60 -14.38 18.68
C PRO A 29 11.12 -15.02 17.37
N ILE A 30 12.01 -15.80 16.75
CA ILE A 30 11.63 -16.57 15.58
C ILE A 30 11.03 -17.89 16.05
N LEU A 31 9.74 -18.08 15.79
CA LEU A 31 9.05 -19.27 16.25
C LEU A 31 9.21 -20.38 15.22
N TYR A 32 9.23 -21.61 15.74
CA TYR A 32 9.27 -22.82 14.93
C TYR A 32 7.85 -23.25 14.69
N SER A 33 7.60 -23.96 13.60
CA SER A 33 6.28 -24.54 13.40
C SER A 33 6.25 -25.97 13.99
N GLU A 34 5.05 -26.51 14.16
CA GLU A 34 4.88 -27.85 14.73
C GLU A 34 5.18 -28.95 13.70
N TYR A 35 5.07 -28.57 12.43
CA TYR A 35 5.29 -29.46 11.28
C TYR A 35 6.15 -30.68 11.58
N ASP A 36 5.55 -31.86 11.37
CA ASP A 36 6.28 -33.12 11.36
C ASP A 36 6.78 -33.33 9.93
N PRO A 37 8.09 -33.19 9.72
CA PRO A 37 8.69 -33.26 8.39
C PRO A 37 8.95 -34.67 7.84
N THR A 38 8.44 -35.71 8.49
CA THR A 38 8.46 -37.05 7.91
C THR A 38 7.26 -37.27 6.99
N ARG A 39 6.18 -36.52 7.21
CA ARG A 39 4.98 -36.66 6.38
C ARG A 39 4.83 -35.50 5.38
N PRO A 40 4.33 -35.79 4.16
CA PRO A 40 4.07 -34.75 3.18
C PRO A 40 2.86 -33.85 3.51
N PHE A 41 2.59 -32.90 2.63
CA PHE A 41 1.56 -31.89 2.86
C PHE A 41 0.24 -32.23 2.21
N SER A 42 -0.83 -31.85 2.89
CA SER A 42 -2.13 -31.68 2.26
C SER A 42 -2.45 -30.18 2.27
N GLU A 43 -3.56 -29.82 1.66
CA GLU A 43 -4.04 -28.45 1.68
C GLU A 43 -4.47 -28.01 3.07
N ALA A 44 -5.07 -28.94 3.82
CA ALA A 44 -5.52 -28.68 5.18
C ALA A 44 -4.33 -28.53 6.14
N SER A 45 -3.34 -29.39 6.00
CA SER A 45 -2.19 -29.39 6.92
C SER A 45 -1.35 -28.11 6.76
N MET A 46 -0.95 -27.81 5.53
CA MET A 46 -0.16 -26.61 5.25
C MET A 46 -0.83 -25.35 5.84
N MET A 47 -2.11 -25.20 5.54
CA MET A 47 -2.91 -24.06 5.99
C MET A 47 -3.02 -24.03 7.54
N GLY A 48 -3.16 -25.20 8.14
CA GLY A 48 -3.12 -25.34 9.60
C GLY A 48 -1.79 -24.91 10.19
N LEU A 49 -0.70 -25.26 9.51
CA LEU A 49 0.64 -24.84 9.90
C LEU A 49 0.81 -23.31 9.84
N LEU A 50 0.33 -22.73 8.74
CA LEU A 50 0.41 -21.30 8.54
C LEU A 50 -0.37 -20.52 9.60
N THR A 51 -1.59 -20.96 9.89
CA THR A 51 -2.46 -20.24 10.85
C THR A 51 -2.06 -20.50 12.31
N ASN A 52 -1.71 -21.75 12.63
CA ASN A 52 -1.17 -22.05 13.96
C ASN A 52 0.04 -21.14 14.24
N LEU A 53 0.99 -21.09 13.32
CA LEU A 53 2.16 -20.22 13.45
C LEU A 53 1.77 -18.74 13.69
N ALA A 54 0.88 -18.24 12.83
CA ALA A 54 0.43 -16.87 12.85
C ALA A 54 -0.24 -16.52 14.15
N ASP A 55 -1.02 -17.46 14.67
CA ASP A 55 -1.66 -17.31 15.96
C ASP A 55 -0.64 -17.18 17.12
N ARG A 56 0.46 -17.91 17.05
CA ARG A 56 1.49 -17.79 18.10
C ARG A 56 2.33 -16.53 17.94
N GLU A 57 2.63 -16.16 16.69
CA GLU A 57 3.33 -14.92 16.41
C GLU A 57 2.53 -13.69 16.80
N LEU A 58 1.21 -13.78 16.68
CA LEU A 58 0.38 -12.65 17.04
C LEU A 58 0.52 -12.28 18.54
N VAL A 59 0.64 -13.29 19.40
CA VAL A 59 0.83 -13.05 20.82
C VAL A 59 2.11 -12.26 21.10
N HIS A 60 3.21 -12.63 20.43
CA HIS A 60 4.49 -11.94 20.59
C HIS A 60 4.52 -10.56 19.90
N MET A 61 3.71 -10.39 18.86
CA MET A 61 3.56 -9.12 18.18
C MET A 61 2.94 -8.07 19.11
N ILE A 62 1.99 -8.51 19.91
CA ILE A 62 1.40 -7.64 20.92
C ILE A 62 2.47 -7.16 21.91
N ASN A 63 3.32 -8.07 22.40
CA ASN A 63 4.45 -7.65 23.25
C ASN A 63 5.41 -6.72 22.54
N TRP A 64 5.70 -7.00 21.27
CA TRP A 64 6.61 -6.15 20.51
C TRP A 64 6.03 -4.74 20.27
N ALA A 65 4.73 -4.67 20.00
CA ALA A 65 4.06 -3.40 19.72
C ALA A 65 4.13 -2.47 20.91
N LYS A 66 3.89 -3.04 22.09
CA LYS A 66 3.96 -2.31 23.35
C LYS A 66 5.35 -1.75 23.63
N ARG A 67 6.38 -2.38 23.07
CA ARG A 67 7.77 -1.89 23.18
C ARG A 67 8.20 -0.93 22.07
N VAL A 68 7.33 -0.69 21.08
CA VAL A 68 7.61 0.31 20.06
C VAL A 68 7.42 1.72 20.65
N PRO A 69 8.50 2.53 20.67
CA PRO A 69 8.42 3.85 21.31
C PRO A 69 7.19 4.66 20.85
N GLY A 70 6.44 5.18 21.81
CA GLY A 70 5.25 5.97 21.52
C GLY A 70 3.95 5.19 21.52
N PHE A 71 4.03 3.88 21.28
CA PHE A 71 2.82 3.03 21.17
C PHE A 71 2.06 2.99 22.49
N VAL A 72 2.81 2.87 23.58
CA VAL A 72 2.27 2.77 24.91
C VAL A 72 1.58 4.08 25.34
N ASP A 73 1.92 5.19 24.67
CA ASP A 73 1.28 6.48 24.95
C ASP A 73 -0.15 6.58 24.38
N LEU A 74 -0.50 5.72 23.42
CA LEU A 74 -1.83 5.73 22.80
C LEU A 74 -2.88 5.09 23.69
N THR A 75 -4.14 5.52 23.55
CA THR A 75 -5.25 4.84 24.22
C THR A 75 -5.28 3.36 23.85
N LEU A 76 -5.83 2.54 24.73
CA LEU A 76 -5.99 1.11 24.47
C LEU A 76 -6.79 0.86 23.20
N HIS A 77 -7.79 1.70 22.96
CA HIS A 77 -8.64 1.57 21.78
C HIS A 77 -7.86 1.86 20.50
N ASP A 78 -7.01 2.89 20.57
CA ASP A 78 -6.17 3.24 19.44
C ASP A 78 -5.11 2.16 19.12
N GLN A 79 -4.54 1.54 20.15
CA GLN A 79 -3.56 0.45 20.00
C GLN A 79 -4.22 -0.74 19.30
N VAL A 80 -5.40 -1.12 19.80
CA VAL A 80 -6.26 -2.15 19.19
C VAL A 80 -6.54 -1.92 17.69
N HIS A 81 -6.94 -0.71 17.33
CA HIS A 81 -7.24 -0.36 15.93
C HIS A 81 -6.03 -0.48 15.03
N LEU A 82 -4.88 -0.05 15.54
CA LEU A 82 -3.64 -0.08 14.75
C LEU A 82 -3.20 -1.52 14.45
N LEU A 83 -3.13 -2.33 15.51
CA LEU A 83 -2.82 -3.75 15.39
C LEU A 83 -3.83 -4.53 14.55
N GLU A 84 -5.12 -4.29 14.74
CA GLU A 84 -6.14 -4.89 13.83
C GLU A 84 -5.92 -4.53 12.36
N CYS A 85 -5.58 -3.28 12.09
CA CYS A 85 -5.38 -2.85 10.71
C CYS A 85 -4.11 -3.47 10.08
N ALA A 86 -3.01 -3.50 10.83
CA ALA A 86 -1.68 -3.84 10.32
C ALA A 86 -1.18 -5.27 10.57
N TRP A 87 -1.89 -6.09 11.36
CA TRP A 87 -1.28 -7.33 11.86
C TRP A 87 -0.71 -8.25 10.78
N LEU A 88 -1.43 -8.41 9.67
CA LEU A 88 -0.98 -9.29 8.60
C LEU A 88 0.14 -8.62 7.80
N GLU A 89 0.12 -7.29 7.70
CA GLU A 89 1.25 -6.54 7.12
C GLU A 89 2.54 -6.82 7.89
N ILE A 90 2.42 -6.83 9.21
CA ILE A 90 3.55 -7.02 10.11
C ILE A 90 4.10 -8.45 9.98
N LEU A 91 3.20 -9.43 9.95
CA LEU A 91 3.58 -10.82 9.74
C LEU A 91 4.27 -11.03 8.40
N MET A 92 3.72 -10.43 7.34
CA MET A 92 4.30 -10.58 6.00
C MET A 92 5.68 -9.93 5.84
N ILE A 93 5.85 -8.71 6.36
CA ILE A 93 7.19 -8.10 6.31
C ILE A 93 8.19 -8.90 7.14
N GLY A 94 7.73 -9.53 8.23
CA GLY A 94 8.57 -10.50 8.96
C GLY A 94 9.02 -11.61 8.04
N LEU A 95 8.04 -12.21 7.37
CA LEU A 95 8.28 -13.35 6.49
C LEU A 95 9.25 -13.03 5.37
N VAL A 96 9.00 -11.90 4.73
CA VAL A 96 9.80 -11.42 3.63
C VAL A 96 11.25 -11.19 4.10
N TRP A 97 11.40 -10.60 5.29
CA TRP A 97 12.74 -10.35 5.84
C TRP A 97 13.53 -11.64 6.08
N ARG A 98 12.95 -12.61 6.77
CA ARG A 98 13.72 -13.82 7.09
C ARG A 98 13.92 -14.71 5.86
N SER A 99 13.04 -14.57 4.86
CA SER A 99 13.22 -15.24 3.57
C SER A 99 14.29 -14.57 2.67
N MET A 100 14.85 -13.45 3.11
CA MET A 100 15.74 -12.64 2.28
C MET A 100 16.93 -13.39 1.70
N GLU A 101 17.61 -14.19 2.52
CA GLU A 101 18.76 -14.99 2.05
C GLU A 101 18.41 -16.43 1.59
N HIS A 102 17.15 -16.66 1.18
CA HIS A 102 16.71 -17.94 0.61
C HIS A 102 15.92 -17.71 -0.66
N PRO A 103 16.62 -17.31 -1.75
CA PRO A 103 15.97 -17.06 -3.02
C PRO A 103 15.06 -18.19 -3.41
N GLY A 104 13.82 -17.87 -3.77
CA GLY A 104 12.87 -18.89 -4.22
C GLY A 104 12.07 -19.58 -3.11
N LYS A 105 12.45 -19.32 -1.86
CA LYS A 105 11.78 -19.92 -0.70
C LYS A 105 11.27 -18.85 0.27
N LEU A 106 10.16 -19.17 0.94
CA LEU A 106 9.61 -18.42 2.05
C LEU A 106 9.90 -19.13 3.36
N LEU A 107 10.64 -18.45 4.24
CA LEU A 107 10.97 -18.99 5.54
C LEU A 107 9.90 -18.57 6.55
N PHE A 108 8.76 -19.26 6.51
CA PHE A 108 7.73 -19.11 7.55
C PHE A 108 8.31 -19.38 8.95
N ALA A 109 9.11 -20.44 9.07
CA ALA A 109 9.88 -20.72 10.28
C ALA A 109 11.15 -21.50 9.90
N PRO A 110 12.13 -21.62 10.82
CA PRO A 110 13.36 -22.38 10.48
C PRO A 110 13.13 -23.80 9.91
N ASN A 111 12.09 -24.46 10.39
CA ASN A 111 11.69 -25.81 9.97
C ASN A 111 10.45 -25.82 9.08
N LEU A 112 10.13 -24.67 8.51
CA LEU A 112 9.08 -24.55 7.49
C LEU A 112 9.56 -23.55 6.44
N LEU A 113 10.38 -24.05 5.53
CA LEU A 113 10.91 -23.31 4.40
C LEU A 113 10.28 -23.87 3.12
N LEU A 114 9.38 -23.08 2.53
CA LEU A 114 8.53 -23.56 1.45
C LEU A 114 8.91 -23.01 0.09
N ASP A 115 9.12 -23.92 -0.87
CA ASP A 115 9.34 -23.54 -2.26
C ASP A 115 8.12 -22.82 -2.81
N ARG A 116 8.38 -22.00 -3.82
CA ARG A 116 7.35 -21.38 -4.62
C ARG A 116 6.27 -22.38 -5.08
N ASN A 117 6.71 -23.55 -5.54
CA ASN A 117 5.79 -24.61 -6.00
C ASN A 117 4.96 -25.29 -4.91
N GLN A 118 5.37 -25.21 -3.65
CA GLN A 118 4.56 -25.74 -2.53
C GLN A 118 3.34 -24.88 -2.18
N GLY A 119 3.31 -23.66 -2.66
CA GLY A 119 2.11 -22.83 -2.56
C GLY A 119 0.96 -23.35 -3.38
N LYS A 120 1.24 -24.19 -4.38
CA LYS A 120 0.18 -24.78 -5.20
C LYS A 120 -0.65 -25.81 -4.42
N CYS A 121 -0.06 -26.43 -3.37
CA CYS A 121 -0.79 -27.33 -2.47
C CYS A 121 -2.09 -26.72 -1.92
N VAL A 122 -2.14 -25.40 -1.83
CA VAL A 122 -3.31 -24.68 -1.35
C VAL A 122 -3.89 -23.80 -2.45
N GLU A 123 -5.19 -23.90 -2.66
CA GLU A 123 -5.84 -23.23 -3.81
C GLU A 123 -5.75 -21.72 -3.63
N GLY A 124 -5.30 -21.03 -4.67
CA GLY A 124 -5.14 -19.58 -4.64
C GLY A 124 -3.88 -19.07 -3.94
N MET A 125 -3.07 -19.96 -3.40
CA MET A 125 -1.95 -19.55 -2.54
C MET A 125 -0.75 -19.07 -3.34
N VAL A 126 -0.50 -19.68 -4.49
CA VAL A 126 0.76 -19.46 -5.21
C VAL A 126 0.88 -18.03 -5.71
N GLU A 127 -0.25 -17.41 -6.01
CA GLU A 127 -0.28 -16.00 -6.37
C GLU A 127 0.23 -15.15 -5.21
N ILE A 128 -0.12 -15.53 -3.99
CA ILE A 128 0.32 -14.80 -2.82
C ILE A 128 1.83 -15.04 -2.60
N PHE A 129 2.26 -16.32 -2.69
CA PHE A 129 3.68 -16.68 -2.57
C PHE A 129 4.53 -15.89 -3.54
N ASP A 130 4.08 -15.83 -4.79
CA ASP A 130 4.80 -15.09 -5.81
C ASP A 130 5.04 -13.63 -5.46
N MET A 131 4.05 -12.94 -4.90
CA MET A 131 4.23 -11.54 -4.50
C MET A 131 5.18 -11.43 -3.31
N LEU A 132 5.07 -12.37 -2.39
CA LEU A 132 5.96 -12.42 -1.23
C LEU A 132 7.41 -12.63 -1.67
N LEU A 133 7.61 -13.60 -2.58
CA LEU A 133 8.94 -13.91 -3.13
C LEU A 133 9.58 -12.76 -3.91
N ALA A 134 8.78 -12.06 -4.73
CA ALA A 134 9.27 -10.85 -5.44
C ALA A 134 9.63 -9.68 -4.50
N THR A 135 8.95 -9.58 -3.35
CA THR A 135 9.28 -8.57 -2.32
C THR A 135 10.60 -8.90 -1.59
N SER A 136 10.76 -10.18 -1.27
CA SER A 136 12.02 -10.70 -0.72
C SER A 136 13.19 -10.45 -1.71
N SER A 137 12.98 -10.80 -2.98
CA SER A 137 13.98 -10.52 -4.02
C SER A 137 14.33 -9.03 -4.05
N ARG A 138 13.32 -8.17 -3.93
CA ARG A 138 13.54 -6.73 -3.82
C ARG A 138 14.40 -6.35 -2.61
N PHE A 139 14.05 -6.84 -1.42
CA PHE A 139 14.87 -6.65 -0.22
C PHE A 139 16.32 -7.02 -0.49
N ARG A 140 16.50 -8.19 -1.10
CA ARG A 140 17.83 -8.73 -1.41
C ARG A 140 18.62 -7.85 -2.38
N MET A 141 17.97 -7.30 -3.40
CA MET A 141 18.70 -6.45 -4.33
C MET A 141 19.01 -5.08 -3.74
N MET A 142 18.19 -4.63 -2.77
CA MET A 142 18.49 -3.40 -2.04
C MET A 142 19.54 -3.65 -0.95
N ASN A 143 19.76 -4.92 -0.58
CA ASN A 143 20.59 -5.25 0.56
C ASN A 143 20.02 -4.59 1.84
N LEU A 144 18.76 -4.90 2.15
CA LEU A 144 18.08 -4.31 3.31
C LEU A 144 18.78 -4.75 4.60
N GLN A 145 19.00 -3.79 5.50
CA GLN A 145 19.73 -4.06 6.72
C GLN A 145 18.74 -4.28 7.84
N GLY A 146 19.18 -5.00 8.87
CA GLY A 146 18.32 -5.31 10.01
C GLY A 146 17.74 -4.06 10.64
N GLU A 147 18.61 -3.09 10.88
CA GLU A 147 18.22 -1.81 11.46
C GLU A 147 17.18 -1.08 10.63
N GLU A 148 17.22 -1.25 9.31
CA GLU A 148 16.24 -0.63 8.42
C GLU A 148 14.92 -1.38 8.46
N PHE A 149 15.01 -2.70 8.57
CA PHE A 149 13.84 -3.55 8.68
C PHE A 149 13.00 -3.22 9.92
N VAL A 150 13.63 -3.09 11.08
CA VAL A 150 12.90 -2.78 12.31
C VAL A 150 12.22 -1.41 12.24
N CYS A 151 12.83 -0.46 11.54
CA CYS A 151 12.19 0.84 11.28
C CYS A 151 10.95 0.69 10.37
N LEU A 152 11.06 -0.08 9.27
CA LEU A 152 9.91 -0.27 8.36
C LEU A 152 8.71 -0.95 9.02
N LYS A 153 8.98 -2.01 9.79
CA LYS A 153 7.92 -2.72 10.52
C LYS A 153 7.20 -1.81 11.51
N SER A 154 7.96 -1.02 12.26
CA SER A 154 7.39 -0.04 13.19
C SER A 154 6.52 0.99 12.47
N ILE A 155 7.02 1.51 11.34
CA ILE A 155 6.26 2.47 10.53
C ILE A 155 4.91 1.87 10.14
N ILE A 156 4.90 0.61 9.71
CA ILE A 156 3.66 -0.08 9.33
C ILE A 156 2.66 -0.07 10.48
N LEU A 157 3.13 -0.41 11.67
CA LEU A 157 2.30 -0.45 12.88
C LEU A 157 1.58 0.89 13.10
N LEU A 158 2.36 1.96 13.03
CA LEU A 158 1.89 3.31 13.33
C LEU A 158 1.19 3.96 12.15
N ASN A 159 1.57 3.61 10.92
CA ASN A 159 0.99 4.29 9.74
C ASN A 159 -0.31 3.69 9.19
N SER A 160 -0.39 2.36 9.09
CA SER A 160 -1.44 1.70 8.30
C SER A 160 -2.86 2.07 8.74
N GLY A 161 -3.08 2.20 10.04
CA GLY A 161 -4.41 2.50 10.59
C GLY A 161 -4.58 3.93 11.04
N VAL A 162 -3.58 4.78 10.83
CA VAL A 162 -3.58 6.10 11.46
C VAL A 162 -4.65 7.05 10.92
N TYR A 163 -5.03 6.89 9.65
CA TYR A 163 -6.07 7.71 9.04
C TYR A 163 -7.49 7.16 9.26
N THR A 164 -7.60 5.90 9.66
CA THR A 164 -8.92 5.31 9.93
C THR A 164 -9.37 5.58 11.37
N PHE A 165 -8.58 6.35 12.13
CA PHE A 165 -9.04 6.85 13.43
C PHE A 165 -10.28 7.72 13.19
N GLU A 174 -5.05 14.98 18.76
CA GLU A 174 -3.82 14.81 19.53
C GLU A 174 -3.20 13.41 19.38
N GLU A 175 -4.07 12.40 19.33
CA GLU A 175 -3.65 11.03 19.13
C GLU A 175 -2.93 10.86 17.78
N LYS A 176 -3.50 11.44 16.72
CA LYS A 176 -2.89 11.43 15.37
C LYS A 176 -1.58 12.23 15.29
N ASP A 177 -1.50 13.33 16.03
CA ASP A 177 -0.32 14.20 16.01
C ASP A 177 0.88 13.58 16.71
N HIS A 178 0.63 12.84 17.78
CA HIS A 178 1.69 12.12 18.46
C HIS A 178 2.27 11.03 17.55
N ILE A 179 1.40 10.31 16.84
CA ILE A 179 1.82 9.22 15.96
C ILE A 179 2.69 9.76 14.83
N HIS A 180 2.26 10.89 14.25
CA HIS A 180 3.00 11.53 13.18
C HIS A 180 4.34 12.08 13.68
N ARG A 181 4.42 12.49 14.94
CA ARG A 181 5.70 12.89 15.55
C ARG A 181 6.64 11.69 15.69
N VAL A 182 6.10 10.56 16.13
CA VAL A 182 6.89 9.35 16.31
C VAL A 182 7.35 8.84 14.94
N LEU A 183 6.45 8.87 13.96
CA LEU A 183 6.79 8.52 12.56
C LEU A 183 7.91 9.38 11.98
N ASP A 184 7.87 10.69 12.23
CA ASP A 184 8.97 11.57 11.86
C ASP A 184 10.31 11.16 12.50
N LYS A 185 10.29 10.84 13.79
CA LYS A 185 11.49 10.31 14.47
C LYS A 185 12.03 9.06 13.77
N ILE A 186 11.14 8.18 13.32
CA ILE A 186 11.57 6.95 12.66
C ILE A 186 12.15 7.24 11.27
N THR A 187 11.56 8.21 10.58
CA THR A 187 12.15 8.71 9.34
C THR A 187 13.58 9.22 9.60
N ASP A 188 13.73 10.05 10.64
CA ASP A 188 15.04 10.55 11.07
C ASP A 188 16.04 9.43 11.35
N THR A 189 15.56 8.35 11.97
CA THR A 189 16.37 7.18 12.29
C THR A 189 16.84 6.44 11.03
N LEU A 190 15.92 6.26 10.08
CA LEU A 190 16.28 5.60 8.82
C LEU A 190 17.38 6.39 8.09
N ILE A 191 17.18 7.69 7.97
CA ILE A 191 18.14 8.57 7.36
C ILE A 191 19.51 8.52 8.11
N HIS A 192 19.47 8.64 9.43
CA HIS A 192 20.66 8.46 10.26
C HIS A 192 21.45 7.18 9.92
N LEU A 193 20.76 6.06 9.74
CA LEU A 193 21.41 4.78 9.40
C LEU A 193 22.11 4.84 8.06
N MET A 194 21.49 5.50 7.09
CA MET A 194 22.04 5.63 5.75
C MET A 194 23.20 6.64 5.72
N ALA A 195 23.09 7.71 6.51
CA ALA A 195 24.20 8.67 6.63
C ALA A 195 25.41 8.02 7.30
N LYS A 196 25.13 7.16 8.30
CA LYS A 196 26.18 6.34 8.94
C LYS A 196 26.77 5.29 7.98
N ALA A 197 25.98 4.77 7.05
CA ALA A 197 26.49 3.80 6.08
C ALA A 197 27.32 4.45 4.96
N GLY A 198 27.39 5.78 4.96
CA GLY A 198 28.23 6.51 4.00
C GLY A 198 27.50 7.05 2.77
N LEU A 199 26.19 6.85 2.69
CA LEU A 199 25.41 7.31 1.54
C LEU A 199 25.41 8.82 1.43
N THR A 200 25.53 9.34 0.20
CA THR A 200 25.33 10.77 -0.05
C THR A 200 23.90 11.15 0.28
N LEU A 201 23.65 12.45 0.34
CA LEU A 201 22.30 12.98 0.57
C LEU A 201 21.32 12.47 -0.49
N GLN A 202 21.68 12.63 -1.76
CA GLN A 202 20.83 12.20 -2.86
C GLN A 202 20.48 10.71 -2.78
N GLN A 203 21.48 9.90 -2.41
CA GLN A 203 21.30 8.45 -2.25
C GLN A 203 20.47 8.09 -1.03
N GLN A 204 20.58 8.89 0.02
CA GLN A 204 19.74 8.75 1.22
C GLN A 204 18.27 8.95 0.91
N HIS A 205 17.97 10.06 0.21
CA HIS A 205 16.59 10.37 -0.16
C HIS A 205 16.02 9.31 -1.10
N GLN A 206 16.82 8.85 -2.04
CA GLN A 206 16.41 7.83 -2.98
C GLN A 206 16.10 6.49 -2.29
N ARG A 207 16.98 6.06 -1.39
CA ARG A 207 16.79 4.82 -0.64
C ARG A 207 15.58 4.89 0.30
N LEU A 208 15.44 6.02 0.99
CA LEU A 208 14.28 6.26 1.87
C LEU A 208 12.99 6.04 1.10
N ALA A 209 12.88 6.66 -0.07
CA ALA A 209 11.78 6.50 -1.02
C ALA A 209 11.57 5.04 -1.45
N GLN A 210 12.64 4.39 -1.89
CA GLN A 210 12.59 2.98 -2.32
C GLN A 210 12.03 2.09 -1.21
N LEU A 211 12.52 2.29 0.02
CA LEU A 211 12.10 1.47 1.15
C LEU A 211 10.62 1.67 1.47
N LEU A 212 10.18 2.93 1.51
CA LEU A 212 8.79 3.24 1.81
C LEU A 212 7.79 2.81 0.71
N LEU A 213 8.21 2.79 -0.56
CA LEU A 213 7.33 2.32 -1.64
C LEU A 213 7.05 0.82 -1.56
N ILE A 214 7.90 0.09 -0.84
CA ILE A 214 7.69 -1.32 -0.59
C ILE A 214 6.49 -1.49 0.35
N LEU A 215 6.30 -0.55 1.25
CA LEU A 215 5.14 -0.59 2.15
C LEU A 215 3.81 -0.53 1.39
N SER A 216 3.80 0.00 0.17
CA SER A 216 2.61 -0.07 -0.68
C SER A 216 2.33 -1.51 -1.12
N HIS A 217 3.39 -2.23 -1.49
CA HIS A 217 3.28 -3.61 -1.95
C HIS A 217 2.90 -4.56 -0.82
N ILE A 218 3.44 -4.27 0.37
CA ILE A 218 3.12 -5.03 1.57
C ILE A 218 1.65 -4.85 1.99
N ARG A 219 1.13 -3.62 1.82
CA ARG A 219 -0.28 -3.36 2.03
C ARG A 219 -1.14 -4.20 1.05
N HIS A 220 -0.73 -4.21 -0.22
CA HIS A 220 -1.38 -5.01 -1.27
C HIS A 220 -1.40 -6.50 -0.92
N MET A 221 -0.29 -7.00 -0.41
CA MET A 221 -0.20 -8.41 -0.07
C MET A 221 -1.06 -8.77 1.13
N SER A 222 -1.09 -7.92 2.14
CA SER A 222 -1.99 -8.09 3.30
C SER A 222 -3.47 -8.10 2.89
N ASN A 223 -3.89 -7.11 2.11
CA ASN A 223 -5.24 -7.09 1.59
C ASN A 223 -5.61 -8.34 0.81
N LYS A 224 -4.69 -8.83 -0.04
CA LYS A 224 -4.92 -10.07 -0.80
C LYS A 224 -4.98 -11.32 0.07
N GLY A 225 -4.09 -11.38 1.05
CA GLY A 225 -4.02 -12.51 1.96
C GLY A 225 -5.19 -12.53 2.93
N MET A 226 -5.66 -11.35 3.34
CA MET A 226 -6.85 -11.25 4.20
C MET A 226 -8.02 -11.87 3.49
N GLU A 227 -8.22 -11.50 2.23
CA GLU A 227 -9.15 -12.23 1.40
C GLU A 227 -9.07 -13.73 1.16
N HIS A 228 -7.84 -14.22 1.00
CA HIS A 228 -7.58 -15.63 0.86
C HIS A 228 -7.87 -16.33 2.18
N LEU A 229 -7.39 -15.75 3.28
CA LEU A 229 -7.68 -16.28 4.62
C LEU A 229 -9.19 -16.35 4.87
N TYR A 230 -9.93 -15.34 4.43
CA TYR A 230 -11.38 -15.36 4.55
C TYR A 230 -12.00 -16.53 3.78
N SER A 231 -11.60 -16.67 2.52
CA SER A 231 -12.06 -17.78 1.69
C SER A 231 -11.77 -19.16 2.30
N MET A 232 -10.55 -19.34 2.80
CA MET A 232 -10.17 -20.60 3.46
C MET A 232 -11.00 -20.86 4.73
N LYS A 233 -11.45 -19.79 5.37
CA LYS A 233 -12.33 -19.91 6.54
C LYS A 233 -13.75 -20.32 6.15
N CYS A 234 -14.31 -19.60 5.16
CA CYS A 234 -15.64 -19.90 4.63
C CYS A 234 -15.75 -21.33 4.10
N LYS A 235 -14.84 -21.70 3.20
CA LYS A 235 -14.79 -23.06 2.64
C LYS A 235 -14.44 -24.10 3.71
N ASN A 236 -14.02 -23.62 4.87
CA ASN A 236 -13.78 -24.44 6.06
C ASN A 236 -12.63 -25.43 5.90
N VAL A 237 -11.64 -25.05 5.08
CA VAL A 237 -10.48 -25.91 4.82
C VAL A 237 -9.64 -26.10 6.10
N VAL A 238 -9.86 -25.24 7.11
CA VAL A 238 -9.12 -25.33 8.37
C VAL A 238 -9.74 -24.49 9.49
N PRO A 239 -9.69 -25.00 10.74
CA PRO A 239 -10.19 -24.27 11.90
C PRO A 239 -9.22 -23.18 12.35
N LEU A 240 -9.74 -21.98 12.61
CA LEU A 240 -8.91 -20.85 13.05
C LEU A 240 -9.15 -20.55 14.53
N SER A 241 -8.06 -20.25 15.25
CA SER A 241 -8.15 -19.83 16.67
C SER A 241 -9.07 -18.63 16.84
N ASP A 242 -9.55 -18.42 18.06
CA ASP A 242 -10.42 -17.28 18.36
C ASP A 242 -9.72 -15.93 18.08
N LEU A 243 -8.45 -15.83 18.45
CA LEU A 243 -7.69 -14.59 18.23
C LEU A 243 -7.62 -14.27 16.73
N LEU A 244 -7.32 -15.27 15.92
CA LEU A 244 -7.15 -15.07 14.47
C LEU A 244 -8.48 -14.69 13.79
N LEU A 245 -9.57 -15.37 14.16
CA LEU A 245 -10.93 -15.00 13.72
C LEU A 245 -11.26 -13.54 14.05
N GLU A 246 -10.84 -13.10 15.23
CA GLU A 246 -11.08 -11.73 15.69
C GLU A 246 -10.27 -10.69 14.90
N MET A 247 -9.02 -11.02 14.58
CA MET A 247 -8.19 -10.13 13.77
C MET A 247 -8.71 -10.10 12.34
N LEU A 248 -9.23 -11.24 11.88
CA LEU A 248 -9.83 -11.35 10.55
C LEU A 248 -11.13 -10.58 10.49
N ASP A 249 -11.94 -10.73 11.54
CA ASP A 249 -13.22 -10.03 11.68
C ASP A 249 -13.15 -8.50 11.63
N ALA A 250 -12.03 -7.94 12.09
CA ALA A 250 -11.90 -6.48 12.16
C ALA A 250 -11.89 -5.84 10.76
N HIS A 251 -11.44 -6.60 9.76
CA HIS A 251 -11.39 -6.09 8.39
C HIS A 251 -12.72 -6.21 7.63
N ARG A 252 -13.73 -6.82 8.26
CA ARG A 252 -15.03 -6.99 7.59
C ARG A 252 -16.14 -7.05 8.62
N SER B 9 17.70 7.05 -22.96
CA SER B 9 16.37 7.51 -22.45
C SER B 9 16.42 8.99 -22.05
N LEU B 10 16.00 9.86 -22.97
CA LEU B 10 15.96 11.31 -22.73
C LEU B 10 15.30 11.73 -21.40
N ALA B 11 14.41 10.90 -20.88
CA ALA B 11 13.73 11.17 -19.61
C ALA B 11 14.69 11.11 -18.40
N LEU B 12 15.72 10.28 -18.50
CA LEU B 12 16.75 10.16 -17.45
C LEU B 12 17.70 11.36 -17.41
N SER B 13 17.65 12.20 -18.44
CA SER B 13 18.50 13.39 -18.53
C SER B 13 17.72 14.67 -18.24
N LEU B 14 16.48 14.53 -17.77
CA LEU B 14 15.66 15.68 -17.40
C LEU B 14 16.11 16.23 -16.07
N THR B 15 16.10 17.55 -15.94
CA THR B 15 16.29 18.20 -14.66
C THR B 15 15.01 18.01 -13.86
N ALA B 16 15.06 18.39 -12.59
CA ALA B 16 13.89 18.38 -11.73
C ALA B 16 12.80 19.30 -12.30
N ASP B 17 13.17 20.53 -12.65
CA ASP B 17 12.23 21.53 -13.20
C ASP B 17 11.56 21.05 -14.51
N GLN B 18 12.32 20.37 -15.37
CA GLN B 18 11.78 19.76 -16.59
C GLN B 18 10.84 18.58 -16.28
N MET B 19 11.12 17.83 -15.21
CA MET B 19 10.23 16.75 -14.77
C MET B 19 8.89 17.32 -14.32
N VAL B 20 8.95 18.32 -13.46
CA VAL B 20 7.74 18.97 -12.96
C VAL B 20 6.89 19.47 -14.12
N SER B 21 7.48 20.31 -14.96
CA SER B 21 6.83 20.91 -16.11
C SER B 21 6.18 19.85 -17.03
N ALA B 22 6.89 18.76 -17.31
CA ALA B 22 6.35 17.71 -18.17
C ALA B 22 5.12 17.05 -17.49
N LEU B 23 5.24 16.71 -16.21
CA LEU B 23 4.12 16.15 -15.45
C LEU B 23 2.90 17.08 -15.38
N LEU B 24 3.13 18.38 -15.13
CA LEU B 24 2.04 19.36 -15.11
C LEU B 24 1.32 19.50 -16.45
N ASP B 25 2.08 19.48 -17.55
CA ASP B 25 1.51 19.53 -18.91
C ASP B 25 0.73 18.27 -19.29
N ALA B 26 1.11 17.15 -18.69
CA ALA B 26 0.47 15.85 -18.93
C ALA B 26 -0.88 15.70 -18.24
N GLU B 27 -1.17 16.56 -17.26
CA GLU B 27 -2.40 16.46 -16.49
C GLU B 27 -3.66 16.27 -17.34
N PRO B 28 -4.48 15.27 -16.99
CA PRO B 28 -5.76 15.11 -17.69
C PRO B 28 -6.73 16.21 -17.33
N PRO B 29 -7.76 16.42 -18.17
CA PRO B 29 -8.79 17.39 -17.85
C PRO B 29 -9.69 16.89 -16.71
N ILE B 30 -10.42 17.81 -16.09
CA ILE B 30 -11.47 17.44 -15.12
C ILE B 30 -12.77 17.17 -15.89
N LEU B 31 -13.22 15.92 -15.86
CA LEU B 31 -14.41 15.49 -16.60
C LEU B 31 -15.73 15.69 -15.81
N TYR B 32 -16.82 15.91 -16.54
CA TYR B 32 -18.17 16.01 -15.94
C TYR B 32 -18.83 14.64 -15.86
N SER B 33 -19.62 14.43 -14.80
CA SER B 33 -20.45 13.22 -14.75
C SER B 33 -21.69 13.44 -15.61
N GLU B 34 -22.41 12.36 -15.92
CA GLU B 34 -23.70 12.49 -16.60
C GLU B 34 -24.87 12.57 -15.61
N TYR B 35 -24.63 13.26 -14.50
CA TYR B 35 -25.60 13.40 -13.44
C TYR B 35 -26.79 14.27 -13.84
N ASP B 36 -28.00 13.70 -13.85
CA ASP B 36 -29.19 14.51 -14.10
C ASP B 36 -29.74 14.97 -12.75
N PRO B 37 -29.66 16.28 -12.48
CA PRO B 37 -29.91 16.75 -11.13
C PRO B 37 -31.37 16.75 -10.75
N THR B 38 -32.24 16.42 -11.69
CA THR B 38 -33.67 16.38 -11.42
C THR B 38 -34.23 14.96 -11.51
N ARG B 39 -33.42 13.99 -11.10
CA ARG B 39 -33.89 12.64 -10.90
C ARG B 39 -33.37 12.16 -9.55
N PRO B 40 -34.13 11.30 -8.87
CA PRO B 40 -33.68 10.77 -7.58
C PRO B 40 -32.54 9.73 -7.75
N PHE B 41 -31.57 9.75 -6.85
CA PHE B 41 -30.51 8.73 -6.82
C PHE B 41 -31.09 7.36 -6.48
N SER B 42 -30.53 6.32 -7.09
CA SER B 42 -30.64 4.97 -6.56
C SER B 42 -29.23 4.39 -6.42
N GLU B 43 -29.14 3.19 -5.87
CA GLU B 43 -27.87 2.50 -5.75
C GLU B 43 -27.27 2.26 -7.14
N ALA B 44 -28.13 1.85 -8.07
CA ALA B 44 -27.77 1.62 -9.46
C ALA B 44 -27.40 2.90 -10.20
N SER B 45 -28.18 3.97 -10.05
CA SER B 45 -27.86 5.20 -10.78
C SER B 45 -26.55 5.82 -10.30
N MET B 46 -26.26 5.74 -9.00
CA MET B 46 -25.06 6.35 -8.44
C MET B 46 -23.81 5.60 -8.86
N MET B 47 -23.87 4.26 -8.79
CA MET B 47 -22.80 3.41 -9.34
C MET B 47 -22.61 3.61 -10.84
N GLY B 48 -23.73 3.80 -11.56
CA GLY B 48 -23.71 4.12 -13.00
C GLY B 48 -22.92 5.39 -13.27
N LEU B 49 -23.22 6.45 -12.54
CA LEU B 49 -22.47 7.70 -12.63
C LEU B 49 -20.95 7.51 -12.40
N LEU B 50 -20.59 6.81 -11.32
CA LEU B 50 -19.18 6.59 -10.96
C LEU B 50 -18.42 5.76 -11.99
N THR B 51 -19.07 4.75 -12.58
CA THR B 51 -18.38 3.89 -13.56
C THR B 51 -18.34 4.52 -14.95
N ASN B 52 -19.42 5.20 -15.33
CA ASN B 52 -19.41 6.02 -16.54
C ASN B 52 -18.26 7.04 -16.50
N LEU B 53 -18.12 7.71 -15.37
CA LEU B 53 -17.05 8.70 -15.18
C LEU B 53 -15.68 8.06 -15.27
N ALA B 54 -15.52 6.97 -14.50
CA ALA B 54 -14.29 6.20 -14.46
C ALA B 54 -13.85 5.75 -15.85
N ASP B 55 -14.81 5.34 -16.67
CA ASP B 55 -14.56 4.83 -18.01
C ASP B 55 -14.00 5.91 -18.97
N ARG B 56 -14.55 7.11 -18.85
CA ARG B 56 -14.12 8.23 -19.68
C ARG B 56 -12.79 8.77 -19.18
N GLU B 57 -12.58 8.78 -17.86
CA GLU B 57 -11.30 9.16 -17.29
C GLU B 57 -10.15 8.23 -17.65
N LEU B 58 -10.47 6.95 -17.87
CA LEU B 58 -9.49 5.93 -18.26
C LEU B 58 -8.83 6.25 -19.60
N VAL B 59 -9.62 6.69 -20.57
CA VAL B 59 -9.09 7.06 -21.88
C VAL B 59 -8.11 8.23 -21.73
N HIS B 60 -8.43 9.22 -20.92
CA HIS B 60 -7.49 10.32 -20.64
C HIS B 60 -6.28 9.90 -19.77
N MET B 61 -6.40 8.80 -19.02
CA MET B 61 -5.29 8.30 -18.20
C MET B 61 -4.27 7.54 -19.05
N ILE B 62 -4.78 6.82 -20.04
CA ILE B 62 -3.94 6.10 -20.99
C ILE B 62 -3.01 7.07 -21.71
N ASN B 63 -3.58 8.18 -22.16
CA ASN B 63 -2.79 9.22 -22.80
C ASN B 63 -1.91 10.06 -21.88
N TRP B 64 -2.34 10.28 -20.64
CA TRP B 64 -1.46 10.83 -19.59
C TRP B 64 -0.24 9.92 -19.33
N ALA B 65 -0.46 8.61 -19.21
CA ALA B 65 0.62 7.67 -18.86
C ALA B 65 1.68 7.68 -19.95
N LYS B 66 1.25 7.68 -21.21
CA LYS B 66 2.17 7.88 -22.34
C LYS B 66 3.06 9.12 -22.18
N ARG B 67 2.56 10.17 -21.51
CA ARG B 67 3.31 11.42 -21.37
C ARG B 67 4.23 11.46 -20.14
N VAL B 68 4.13 10.45 -19.28
CA VAL B 68 4.96 10.34 -18.09
C VAL B 68 6.36 9.84 -18.50
N PRO B 69 7.40 10.64 -18.23
CA PRO B 69 8.73 10.31 -18.71
C PRO B 69 9.11 8.87 -18.38
N GLY B 70 9.61 8.15 -19.37
CA GLY B 70 10.09 6.79 -19.15
C GLY B 70 9.04 5.73 -19.43
N PHE B 71 7.77 6.09 -19.36
CA PHE B 71 6.71 5.10 -19.51
C PHE B 71 6.70 4.52 -20.93
N VAL B 72 6.86 5.38 -21.94
CA VAL B 72 6.84 4.91 -23.33
C VAL B 72 8.07 4.09 -23.70
N ASP B 73 9.13 4.13 -22.89
CA ASP B 73 10.30 3.28 -23.13
C ASP B 73 10.01 1.81 -22.82
N LEU B 74 9.00 1.55 -21.99
CA LEU B 74 8.66 0.19 -21.60
C LEU B 74 7.94 -0.49 -22.75
N THR B 75 7.92 -1.82 -22.70
CA THR B 75 7.22 -2.59 -23.71
C THR B 75 5.72 -2.39 -23.53
N LEU B 76 4.95 -2.79 -24.54
CA LEU B 76 3.50 -2.65 -24.49
C LEU B 76 2.89 -3.51 -23.38
N HIS B 77 3.40 -4.72 -23.21
CA HIS B 77 2.93 -5.63 -22.18
C HIS B 77 3.23 -5.18 -20.75
N ASP B 78 4.30 -4.41 -20.58
CA ASP B 78 4.62 -3.85 -19.28
C ASP B 78 3.77 -2.61 -18.98
N GLN B 79 3.54 -1.79 -20.01
CA GLN B 79 2.63 -0.65 -19.88
C GLN B 79 1.22 -1.12 -19.48
N VAL B 80 0.75 -2.17 -20.16
CA VAL B 80 -0.51 -2.81 -19.83
C VAL B 80 -0.59 -3.24 -18.36
N HIS B 81 0.40 -4.01 -17.91
CA HIS B 81 0.42 -4.47 -16.53
C HIS B 81 0.44 -3.33 -15.50
N LEU B 82 1.25 -2.30 -15.75
CA LEU B 82 1.35 -1.17 -14.84
C LEU B 82 0.03 -0.45 -14.66
N LEU B 83 -0.62 -0.12 -15.77
CA LEU B 83 -1.90 0.58 -15.73
C LEU B 83 -3.01 -0.31 -15.14
N GLU B 84 -3.02 -1.59 -15.55
CA GLU B 84 -3.98 -2.56 -15.02
C GLU B 84 -3.88 -2.69 -13.51
N CYS B 85 -2.64 -2.71 -13.01
CA CYS B 85 -2.41 -2.77 -11.58
C CYS B 85 -2.92 -1.52 -10.83
N ALA B 86 -2.67 -0.34 -11.42
CA ALA B 86 -2.71 0.95 -10.75
C ALA B 86 -3.89 1.87 -11.08
N TRP B 87 -4.73 1.50 -12.04
CA TRP B 87 -5.78 2.39 -12.56
C TRP B 87 -6.67 3.03 -11.52
N LEU B 88 -7.14 2.26 -10.55
CA LEU B 88 -8.04 2.76 -9.51
C LEU B 88 -7.29 3.59 -8.47
N GLU B 89 -6.03 3.25 -8.20
CA GLU B 89 -5.19 4.08 -7.31
C GLU B 89 -5.09 5.50 -7.89
N ILE B 90 -4.77 5.54 -9.17
CA ILE B 90 -4.61 6.78 -9.90
C ILE B 90 -5.91 7.58 -9.89
N LEU B 91 -7.05 6.96 -10.26
CA LEU B 91 -8.37 7.64 -10.19
C LEU B 91 -8.64 8.18 -8.80
N MET B 92 -8.39 7.35 -7.78
CA MET B 92 -8.67 7.72 -6.38
C MET B 92 -7.79 8.84 -5.87
N ILE B 93 -6.51 8.82 -6.20
CA ILE B 93 -5.66 9.94 -5.77
C ILE B 93 -6.09 11.23 -6.46
N GLY B 94 -6.50 11.15 -7.73
CA GLY B 94 -7.09 12.32 -8.41
C GLY B 94 -8.27 12.87 -7.64
N LEU B 95 -9.17 11.97 -7.27
CA LEU B 95 -10.40 12.32 -6.57
C LEU B 95 -10.15 13.00 -5.23
N VAL B 96 -9.15 12.49 -4.51
CA VAL B 96 -8.75 13.02 -3.19
C VAL B 96 -8.05 14.38 -3.36
N TRP B 97 -7.25 14.52 -4.43
CA TRP B 97 -6.73 15.83 -4.81
C TRP B 97 -7.86 16.83 -5.10
N ARG B 98 -8.81 16.45 -5.96
CA ARG B 98 -9.94 17.32 -6.36
C ARG B 98 -10.81 17.75 -5.18
N SER B 99 -10.86 16.87 -4.18
CA SER B 99 -11.68 17.06 -2.99
C SER B 99 -10.97 17.83 -1.87
N MET B 100 -9.71 18.21 -2.10
CA MET B 100 -8.92 18.96 -1.11
C MET B 100 -9.65 20.18 -0.53
N GLU B 101 -10.24 21.00 -1.39
CA GLU B 101 -10.84 22.28 -0.96
C GLU B 101 -12.33 22.17 -0.59
N HIS B 102 -12.82 20.95 -0.38
CA HIS B 102 -14.25 20.71 -0.08
C HIS B 102 -14.41 19.76 1.12
N PRO B 103 -14.23 20.30 2.35
CA PRO B 103 -14.30 19.47 3.58
C PRO B 103 -15.59 18.66 3.75
N GLY B 104 -15.44 17.35 3.91
CA GLY B 104 -16.58 16.45 4.04
C GLY B 104 -17.25 16.01 2.75
N LYS B 105 -16.67 16.37 1.60
CA LYS B 105 -17.26 16.00 0.31
C LYS B 105 -16.21 15.43 -0.65
N LEU B 106 -16.67 14.58 -1.57
CA LEU B 106 -15.82 14.04 -2.63
C LEU B 106 -16.27 14.62 -3.95
N LEU B 107 -15.40 15.42 -4.55
CA LEU B 107 -15.68 16.01 -5.84
C LEU B 107 -15.28 15.01 -6.93
N PHE B 108 -16.14 14.04 -7.19
CA PHE B 108 -15.95 13.12 -8.32
C PHE B 108 -15.87 13.91 -9.62
N ALA B 109 -16.73 14.92 -9.73
CA ALA B 109 -16.81 15.78 -10.90
C ALA B 109 -17.35 17.11 -10.40
N PRO B 110 -17.19 18.21 -11.17
CA PRO B 110 -17.78 19.47 -10.72
C PRO B 110 -19.30 19.39 -10.48
N ASN B 111 -20.01 18.54 -11.23
CA ASN B 111 -21.46 18.37 -11.07
C ASN B 111 -21.83 17.16 -10.20
N LEU B 112 -20.81 16.56 -9.56
CA LEU B 112 -20.98 15.38 -8.72
C LEU B 112 -20.09 15.49 -7.47
N LEU B 113 -20.58 16.26 -6.50
CA LEU B 113 -19.93 16.49 -5.23
C LEU B 113 -20.75 15.76 -4.17
N LEU B 114 -20.19 14.68 -3.63
CA LEU B 114 -20.96 13.82 -2.72
C LEU B 114 -20.41 13.84 -1.27
N ASP B 115 -21.31 13.87 -0.29
CA ASP B 115 -20.94 13.73 1.12
C ASP B 115 -21.19 12.28 1.52
N ARG B 116 -20.76 11.91 2.73
CA ARG B 116 -20.77 10.50 3.15
C ARG B 116 -22.17 9.94 3.23
N ASN B 117 -23.14 10.82 3.50
CA ASN B 117 -24.53 10.44 3.62
C ASN B 117 -25.14 10.08 2.26
N GLN B 118 -24.59 10.66 1.20
CA GLN B 118 -24.96 10.24 -0.15
C GLN B 118 -24.30 8.90 -0.53
N GLY B 119 -23.10 8.64 -0.01
CA GLY B 119 -22.42 7.36 -0.23
C GLY B 119 -23.22 6.16 0.25
N LYS B 120 -23.96 6.37 1.34
CA LYS B 120 -24.86 5.35 1.94
C LYS B 120 -25.96 4.82 1.02
N CYS B 121 -26.27 5.58 -0.03
CA CYS B 121 -27.19 5.13 -1.09
C CYS B 121 -26.72 3.83 -1.79
N VAL B 122 -25.41 3.62 -1.85
CA VAL B 122 -24.85 2.39 -2.40
C VAL B 122 -24.32 1.54 -1.25
N GLU B 123 -24.70 0.27 -1.17
CA GLU B 123 -24.29 -0.54 -0.04
C GLU B 123 -22.79 -0.80 -0.09
N GLY B 124 -22.15 -0.67 1.06
CA GLY B 124 -20.72 -0.84 1.21
C GLY B 124 -19.91 0.37 0.80
N MET B 125 -20.55 1.37 0.20
CA MET B 125 -19.81 2.51 -0.32
C MET B 125 -19.32 3.45 0.79
N VAL B 126 -20.16 3.70 1.80
CA VAL B 126 -19.85 4.73 2.81
C VAL B 126 -18.52 4.49 3.52
N GLU B 127 -18.16 3.22 3.69
CA GLU B 127 -16.86 2.88 4.26
C GLU B 127 -15.73 3.41 3.40
N ILE B 128 -15.89 3.29 2.08
CA ILE B 128 -14.86 3.70 1.14
C ILE B 128 -14.84 5.23 1.04
N PHE B 129 -16.01 5.84 0.97
CA PHE B 129 -16.12 7.31 1.09
C PHE B 129 -15.32 7.80 2.32
N ASP B 130 -15.57 7.20 3.47
CA ASP B 130 -14.88 7.60 4.72
C ASP B 130 -13.36 7.54 4.65
N MET B 131 -12.82 6.46 4.10
CA MET B 131 -11.38 6.39 3.84
C MET B 131 -10.92 7.51 2.89
N LEU B 132 -11.67 7.73 1.80
CA LEU B 132 -11.30 8.77 0.80
C LEU B 132 -11.34 10.14 1.44
N LEU B 133 -12.38 10.42 2.24
CA LEU B 133 -12.51 11.70 2.95
C LEU B 133 -11.39 11.95 3.95
N ALA B 134 -10.98 10.91 4.66
CA ALA B 134 -9.92 11.04 5.65
C ALA B 134 -8.58 11.29 4.94
N THR B 135 -8.38 10.69 3.77
CA THR B 135 -7.19 10.94 2.94
C THR B 135 -7.17 12.39 2.44
N SER B 136 -8.28 12.86 1.91
CA SER B 136 -8.40 14.29 1.54
C SER B 136 -8.06 15.21 2.71
N SER B 137 -8.55 14.88 3.91
CA SER B 137 -8.22 15.63 5.13
C SER B 137 -6.72 15.62 5.43
N ARG B 138 -6.09 14.47 5.27
CA ARG B 138 -4.62 14.38 5.36
C ARG B 138 -3.92 15.32 4.37
N PHE B 139 -4.32 15.26 3.09
CA PHE B 139 -3.84 16.18 2.03
C PHE B 139 -3.93 17.66 2.48
N ARG B 140 -5.08 18.04 3.01
CA ARG B 140 -5.35 19.41 3.48
C ARG B 140 -4.46 19.81 4.67
N MET B 141 -4.33 18.90 5.63
CA MET B 141 -3.43 19.09 6.77
C MET B 141 -1.97 19.29 6.32
N MET B 142 -1.53 18.47 5.38
CA MET B 142 -0.18 18.56 4.82
C MET B 142 0.02 19.77 3.92
N ASN B 143 -1.07 20.33 3.40
CA ASN B 143 -1.01 21.41 2.40
C ASN B 143 -0.27 20.87 1.15
N LEU B 144 -0.72 19.70 0.70
CA LEU B 144 -0.17 19.08 -0.50
C LEU B 144 -0.31 20.03 -1.68
N GLN B 145 0.78 20.19 -2.42
CA GLN B 145 0.88 21.09 -3.56
C GLN B 145 0.73 20.26 -4.83
N GLY B 146 0.20 20.88 -5.88
CA GLY B 146 -0.03 20.21 -7.16
C GLY B 146 1.22 19.56 -7.73
N GLU B 147 2.36 20.24 -7.62
CA GLU B 147 3.62 19.68 -8.12
C GLU B 147 3.93 18.36 -7.42
N GLU B 148 3.67 18.30 -6.11
CA GLU B 148 3.84 17.06 -5.34
C GLU B 148 2.79 16.01 -5.66
N PHE B 149 1.57 16.47 -5.92
CA PHE B 149 0.51 15.57 -6.33
C PHE B 149 0.87 14.87 -7.66
N VAL B 150 1.37 15.60 -8.65
CA VAL B 150 1.70 14.97 -9.94
C VAL B 150 2.89 14.00 -9.83
N CYS B 151 3.81 14.25 -8.90
CA CYS B 151 4.92 13.33 -8.66
C CYS B 151 4.42 11.99 -8.06
N LEU B 152 3.60 12.10 -7.01
CA LEU B 152 2.95 10.96 -6.39
C LEU B 152 2.09 10.11 -7.31
N LYS B 153 1.28 10.76 -8.15
CA LYS B 153 0.46 10.04 -9.11
C LYS B 153 1.34 9.28 -10.11
N SER B 154 2.48 9.87 -10.48
CA SER B 154 3.42 9.20 -11.39
C SER B 154 4.14 8.04 -10.72
N ILE B 155 4.46 8.18 -9.44
CA ILE B 155 5.11 7.12 -8.68
C ILE B 155 4.17 5.92 -8.56
N ILE B 156 2.89 6.19 -8.33
CA ILE B 156 1.92 5.11 -8.26
C ILE B 156 1.89 4.32 -9.57
N LEU B 157 1.82 5.03 -10.69
CA LEU B 157 1.84 4.38 -12.00
C LEU B 157 3.05 3.44 -12.16
N LEU B 158 4.24 3.93 -11.82
CA LEU B 158 5.47 3.19 -12.09
C LEU B 158 5.72 2.09 -11.06
N ASN B 159 5.34 2.32 -9.80
CA ASN B 159 5.71 1.45 -8.68
C ASN B 159 4.74 0.29 -8.42
N SER B 160 3.44 0.58 -8.44
CA SER B 160 2.43 -0.34 -7.93
C SER B 160 2.51 -1.72 -8.52
N GLY B 161 2.64 -1.78 -9.83
CA GLY B 161 2.72 -3.05 -10.55
C GLY B 161 4.12 -3.52 -10.86
N VAL B 162 5.13 -2.82 -10.34
CA VAL B 162 6.51 -3.06 -10.78
C VAL B 162 7.07 -4.44 -10.37
N TYR B 163 6.57 -5.00 -9.26
CA TYR B 163 7.06 -6.32 -8.79
C TYR B 163 6.22 -7.51 -9.31
N THR B 164 5.03 -7.25 -9.84
CA THR B 164 4.22 -8.32 -10.42
C THR B 164 4.74 -8.62 -11.84
N SER B 168 12.75 -12.86 -16.59
CA SER B 168 13.31 -13.50 -17.78
C SER B 168 14.69 -12.92 -18.10
N THR B 169 15.58 -12.97 -17.11
CA THR B 169 16.93 -12.40 -17.22
C THR B 169 16.88 -10.94 -17.72
N LEU B 170 17.92 -10.49 -18.41
CA LEU B 170 18.03 -9.12 -18.91
C LEU B 170 16.66 -8.46 -19.20
N LYS B 171 15.86 -9.14 -20.01
CA LYS B 171 14.58 -8.63 -20.51
C LYS B 171 13.67 -7.96 -19.45
N SER B 172 13.22 -8.77 -18.48
CA SER B 172 12.37 -8.27 -17.39
C SER B 172 13.15 -7.37 -16.43
N LEU B 173 14.38 -7.80 -16.12
CA LEU B 173 15.28 -7.08 -15.23
C LEU B 173 15.55 -5.63 -15.64
N GLU B 174 15.89 -5.42 -16.92
CA GLU B 174 16.25 -4.08 -17.40
C GLU B 174 15.04 -3.16 -17.61
N GLU B 175 13.85 -3.74 -17.71
CA GLU B 175 12.60 -2.96 -17.65
C GLU B 175 12.42 -2.48 -16.20
N LYS B 176 12.73 -3.35 -15.25
CA LYS B 176 12.64 -3.05 -13.82
C LYS B 176 13.66 -1.98 -13.40
N ASP B 177 14.91 -2.16 -13.85
CA ASP B 177 15.98 -1.19 -13.63
C ASP B 177 15.60 0.20 -14.11
N HIS B 178 15.10 0.25 -15.34
CA HIS B 178 14.66 1.49 -15.97
C HIS B 178 13.63 2.20 -15.12
N ILE B 179 12.61 1.45 -14.70
CA ILE B 179 11.52 1.98 -13.87
C ILE B 179 12.06 2.55 -12.56
N HIS B 180 12.98 1.83 -11.94
CA HIS B 180 13.59 2.30 -10.72
C HIS B 180 14.45 3.56 -10.91
N ARG B 181 15.09 3.68 -12.07
CA ARG B 181 15.81 4.92 -12.43
C ARG B 181 14.89 6.13 -12.57
N VAL B 182 13.72 5.91 -13.16
CA VAL B 182 12.71 6.96 -13.30
C VAL B 182 12.15 7.32 -11.93
N LEU B 183 11.85 6.30 -11.12
CA LEU B 183 11.33 6.49 -9.76
C LEU B 183 12.28 7.28 -8.87
N ASP B 184 13.59 7.01 -9.01
CA ASP B 184 14.66 7.74 -8.32
C ASP B 184 14.75 9.21 -8.77
N LYS B 185 14.51 9.46 -10.06
CA LYS B 185 14.40 10.82 -10.58
C LYS B 185 13.19 11.59 -10.02
N ILE B 186 12.06 10.91 -9.84
CA ILE B 186 10.89 11.55 -9.25
C ILE B 186 11.15 11.87 -7.79
N THR B 187 11.91 11.03 -7.09
CA THR B 187 12.32 11.33 -5.73
C THR B 187 13.21 12.59 -5.69
N ASP B 188 14.21 12.65 -6.57
CA ASP B 188 15.09 13.83 -6.69
C ASP B 188 14.25 15.10 -6.94
N THR B 189 13.18 14.93 -7.70
CA THR B 189 12.32 16.04 -8.09
C THR B 189 11.48 16.53 -6.92
N LEU B 190 10.94 15.60 -6.14
CA LEU B 190 10.21 15.95 -4.93
C LEU B 190 11.09 16.71 -3.96
N ILE B 191 12.30 16.21 -3.72
CA ILE B 191 13.22 16.87 -2.81
C ILE B 191 13.55 18.27 -3.34
N HIS B 192 13.85 18.35 -4.64
CA HIS B 192 14.05 19.61 -5.30
C HIS B 192 12.94 20.61 -4.99
N LEU B 193 11.68 20.20 -5.16
CA LEU B 193 10.51 21.05 -4.89
C LEU B 193 10.45 21.56 -3.45
N MET B 194 10.71 20.69 -2.50
CA MET B 194 10.63 21.05 -1.09
C MET B 194 11.76 22.00 -0.71
N ALA B 195 12.96 21.73 -1.23
CA ALA B 195 14.11 22.63 -1.07
C ALA B 195 13.79 24.02 -1.64
N LYS B 196 13.26 24.06 -2.86
CA LYS B 196 12.87 25.32 -3.48
C LYS B 196 11.82 26.08 -2.67
N ALA B 197 10.93 25.32 -2.02
CA ALA B 197 9.90 25.90 -1.17
C ALA B 197 10.44 26.35 0.19
N GLY B 198 11.72 26.08 0.47
CA GLY B 198 12.40 26.54 1.69
C GLY B 198 12.31 25.64 2.89
N LEU B 199 11.86 24.40 2.72
CA LEU B 199 11.94 23.41 3.81
C LEU B 199 13.40 23.06 4.11
N THR B 200 13.69 22.87 5.40
CA THR B 200 15.04 22.50 5.84
C THR B 200 15.41 21.09 5.38
N LEU B 201 16.68 20.72 5.55
CA LEU B 201 17.12 19.39 5.12
C LEU B 201 16.34 18.28 5.83
N GLN B 202 16.07 18.48 7.13
CA GLN B 202 15.35 17.47 7.93
C GLN B 202 13.89 17.42 7.54
N GLN B 203 13.28 18.60 7.36
CA GLN B 203 11.90 18.70 6.90
C GLN B 203 11.69 18.06 5.53
N GLN B 204 12.72 18.14 4.68
CA GLN B 204 12.65 17.54 3.36
C GLN B 204 12.45 16.03 3.46
N HIS B 205 13.28 15.34 4.24
CA HIS B 205 13.14 13.89 4.32
C HIS B 205 11.89 13.47 5.07
N GLN B 206 11.51 14.24 6.09
CA GLN B 206 10.28 13.98 6.86
C GLN B 206 9.03 14.09 5.98
N ARG B 207 8.96 15.14 5.15
CA ARG B 207 7.82 15.32 4.27
C ARG B 207 7.79 14.25 3.15
N LEU B 208 8.95 13.96 2.55
CA LEU B 208 9.06 12.91 1.54
C LEU B 208 8.46 11.61 2.07
N ALA B 209 8.85 11.24 3.29
CA ALA B 209 8.26 10.12 4.02
C ALA B 209 6.73 10.20 4.20
N GLN B 210 6.25 11.28 4.81
CA GLN B 210 4.80 11.51 4.99
C GLN B 210 4.01 11.41 3.69
N LEU B 211 4.54 11.98 2.61
CA LEU B 211 3.89 11.88 1.29
C LEU B 211 3.85 10.44 0.75
N LEU B 212 4.94 9.72 0.85
CA LEU B 212 5.01 8.35 0.32
C LEU B 212 4.20 7.34 1.15
N LEU B 213 4.03 7.59 2.45
CA LEU B 213 3.21 6.72 3.29
C LEU B 213 1.72 6.79 2.95
N ILE B 214 1.31 7.92 2.36
CA ILE B 214 -0.04 8.05 1.82
C ILE B 214 -0.34 7.02 0.71
N LEU B 215 0.67 6.64 -0.07
CA LEU B 215 0.49 5.62 -1.12
C LEU B 215 0.07 4.24 -0.56
N SER B 216 0.51 3.92 0.66
CA SER B 216 0.03 2.72 1.34
C SER B 216 -1.48 2.79 1.60
N HIS B 217 -1.96 3.97 2.00
CA HIS B 217 -3.38 4.23 2.22
C HIS B 217 -4.21 4.25 0.92
N ILE B 218 -3.62 4.77 -0.16
CA ILE B 218 -4.23 4.77 -1.49
C ILE B 218 -4.28 3.35 -2.09
N ARG B 219 -3.20 2.58 -1.96
CA ARG B 219 -3.25 1.15 -2.27
C ARG B 219 -4.39 0.44 -1.55
N HIS B 220 -4.48 0.63 -0.24
CA HIS B 220 -5.55 0.03 0.55
C HIS B 220 -6.92 0.39 -0.01
N MET B 221 -7.13 1.66 -0.30
CA MET B 221 -8.44 2.15 -0.79
C MET B 221 -8.79 1.54 -2.16
N SER B 222 -7.79 1.42 -3.02
CA SER B 222 -7.98 0.77 -4.31
C SER B 222 -8.35 -0.72 -4.16
N ASN B 223 -7.61 -1.45 -3.31
CA ASN B 223 -7.94 -2.85 -3.00
C ASN B 223 -9.39 -2.96 -2.55
N LYS B 224 -9.78 -2.14 -1.59
CA LYS B 224 -11.17 -2.12 -1.12
C LYS B 224 -12.17 -1.77 -2.21
N GLY B 225 -11.86 -0.76 -3.00
CA GLY B 225 -12.74 -0.34 -4.09
C GLY B 225 -12.90 -1.33 -5.22
N MET B 226 -11.85 -2.11 -5.46
CA MET B 226 -11.86 -3.19 -6.45
C MET B 226 -12.77 -4.35 -6.02
N GLU B 227 -12.63 -4.76 -4.75
CA GLU B 227 -13.58 -5.69 -4.11
C GLU B 227 -15.01 -5.16 -4.25
N HIS B 228 -15.22 -3.89 -3.88
CA HIS B 228 -16.57 -3.32 -3.89
C HIS B 228 -17.18 -3.31 -5.30
N LEU B 229 -16.35 -2.95 -6.27
CA LEU B 229 -16.78 -2.87 -7.65
C LEU B 229 -17.10 -4.26 -8.18
N TYR B 230 -16.22 -5.21 -7.87
CA TYR B 230 -16.45 -6.62 -8.19
C TYR B 230 -17.81 -7.08 -7.69
N SER B 231 -18.16 -6.63 -6.48
CA SER B 231 -19.41 -7.01 -5.83
C SER B 231 -20.64 -6.40 -6.52
N MET B 232 -20.52 -5.15 -6.94
CA MET B 232 -21.57 -4.50 -7.70
C MET B 232 -21.78 -5.19 -9.05
N LYS B 233 -20.67 -5.56 -9.68
CA LYS B 233 -20.69 -6.28 -10.92
C LYS B 233 -21.40 -7.64 -10.74
N CYS B 234 -20.99 -8.39 -9.71
CA CYS B 234 -21.52 -9.73 -9.45
C CYS B 234 -22.98 -9.71 -8.97
N LYS B 235 -23.46 -8.57 -8.47
CA LYS B 235 -24.87 -8.41 -8.10
C LYS B 235 -25.73 -7.79 -9.22
N ASN B 236 -25.16 -7.60 -10.40
CA ASN B 236 -25.89 -7.01 -11.52
C ASN B 236 -26.48 -5.63 -11.18
N VAL B 237 -25.72 -4.84 -10.45
CA VAL B 237 -26.16 -3.51 -10.04
C VAL B 237 -25.99 -2.52 -11.19
N VAL B 238 -24.92 -2.71 -11.96
CA VAL B 238 -24.50 -1.74 -12.94
C VAL B 238 -23.76 -2.44 -14.06
N PRO B 239 -24.07 -2.09 -15.32
CA PRO B 239 -23.31 -2.63 -16.44
C PRO B 239 -21.99 -1.90 -16.55
N LEU B 240 -20.89 -2.66 -16.58
CA LEU B 240 -19.58 -2.07 -16.77
C LEU B 240 -19.18 -2.14 -18.24
N SER B 241 -18.58 -1.07 -18.75
CA SER B 241 -18.03 -1.04 -20.11
C SER B 241 -16.97 -2.13 -20.26
N ASP B 242 -16.67 -2.51 -21.49
CA ASP B 242 -15.75 -3.60 -21.72
C ASP B 242 -14.35 -3.26 -21.21
N LEU B 243 -13.95 -2.00 -21.34
CA LEU B 243 -12.68 -1.53 -20.82
C LEU B 243 -12.62 -1.78 -19.31
N LEU B 244 -13.63 -1.32 -18.60
CA LEU B 244 -13.69 -1.41 -17.15
C LEU B 244 -13.71 -2.87 -16.70
N LEU B 245 -14.51 -3.69 -17.39
CA LEU B 245 -14.52 -5.14 -17.17
C LEU B 245 -13.13 -5.75 -17.32
N GLU B 246 -12.38 -5.31 -18.32
CA GLU B 246 -11.02 -5.81 -18.51
C GLU B 246 -10.09 -5.36 -17.39
N MET B 247 -10.14 -4.08 -17.06
CA MET B 247 -9.36 -3.52 -15.94
C MET B 247 -9.67 -4.25 -14.64
N LEU B 248 -10.95 -4.43 -14.35
CA LEU B 248 -11.40 -5.10 -13.12
C LEU B 248 -10.96 -6.56 -13.10
N ASP B 249 -11.17 -7.25 -14.22
CA ASP B 249 -10.77 -8.66 -14.36
C ASP B 249 -9.26 -8.90 -14.26
N ALA B 250 -8.45 -7.86 -14.46
CA ALA B 250 -7.00 -7.99 -14.31
C ALA B 250 -6.63 -8.36 -12.87
N HIS B 251 -7.50 -8.01 -11.92
CA HIS B 251 -7.24 -8.20 -10.49
C HIS B 251 -7.78 -9.53 -9.95
N ARG B 252 -8.40 -10.31 -10.82
CA ARG B 252 -8.86 -11.66 -10.48
C ARG B 252 -8.07 -12.72 -11.24
N LEU B 253 -6.91 -12.34 -11.76
CA LEU B 253 -6.05 -13.25 -12.52
C LEU B 253 -4.75 -12.55 -12.93
N LYS C 1 -17.63 -7.21 23.40
CA LYS C 1 -17.03 -6.38 24.49
C LYS C 1 -15.70 -6.95 24.98
N HIS C 2 -15.53 -8.27 24.87
CA HIS C 2 -14.36 -8.94 25.43
C HIS C 2 -13.43 -9.48 24.34
N LYS C 3 -12.92 -8.57 23.51
CA LYS C 3 -11.97 -8.92 22.47
C LYS C 3 -10.69 -9.42 23.11
N ILE C 4 -10.13 -10.50 22.55
CA ILE C 4 -8.93 -11.11 23.06
C ILE C 4 -7.78 -10.12 22.99
N LEU C 5 -7.70 -9.41 21.86
CA LEU C 5 -6.68 -8.41 21.63
C LEU C 5 -6.62 -7.42 22.77
N HIS C 6 -7.78 -6.85 23.10
CA HIS C 6 -7.92 -5.97 24.27
C HIS C 6 -7.17 -6.46 25.50
N ARG C 7 -7.49 -7.67 25.95
CA ARG C 7 -6.92 -8.18 27.19
C ARG C 7 -5.45 -8.60 27.03
N LEU C 8 -5.02 -8.91 25.81
CA LEU C 8 -3.61 -9.22 25.56
C LEU C 8 -2.76 -7.96 25.67
N LEU C 9 -3.32 -6.86 25.18
CA LEU C 9 -2.69 -5.56 25.26
C LEU C 9 -2.51 -5.06 26.71
N GLN C 10 -3.57 -5.06 27.50
CA GLN C 10 -3.46 -4.54 28.88
C GLN C 10 -2.96 -5.62 29.85
N ASP C 11 -1.69 -5.97 29.68
CA ASP C 11 -1.00 -6.93 30.56
C ASP C 11 0.30 -6.34 31.08
N LYS D 3 -7.88 -7.29 -26.50
CA LYS D 3 -7.83 -6.48 -25.25
C LYS D 3 -7.83 -4.98 -25.56
N ILE D 4 -8.83 -4.29 -25.04
CA ILE D 4 -9.08 -2.88 -25.31
C ILE D 4 -7.91 -2.00 -24.88
N LEU D 5 -7.42 -2.22 -23.65
CA LEU D 5 -6.33 -1.43 -23.09
C LEU D 5 -5.10 -1.48 -24.00
N HIS D 6 -4.78 -2.69 -24.42
CA HIS D 6 -3.69 -2.91 -25.36
C HIS D 6 -3.80 -2.09 -26.67
N ARG D 7 -5.01 -2.09 -27.27
CA ARG D 7 -5.33 -1.23 -28.42
C ARG D 7 -5.19 0.27 -28.12
N LEU D 8 -5.86 0.74 -27.05
CA LEU D 8 -5.82 2.16 -26.65
C LEU D 8 -4.36 2.67 -26.48
N LEU D 9 -3.50 1.83 -25.96
CA LEU D 9 -2.10 2.19 -25.78
C LEU D 9 -1.32 2.36 -27.09
N GLN D 10 -1.80 1.75 -28.17
CA GLN D 10 -1.14 1.87 -29.48
C GLN D 10 -1.48 3.17 -30.22
N ASP D 11 -2.60 3.79 -29.89
CA ASP D 11 -3.07 5.00 -30.58
C ASP D 11 -2.02 6.11 -30.61
CL1 EES E . -1.33 -17.64 8.26
CAP EES E . -0.77 -16.77 6.73
CAR EES E . -1.55 -16.72 5.59
CAJ EES E . -2.80 -17.24 5.30
CAN EES E . -3.35 -17.01 4.05
OAC EES E . -4.58 -17.51 3.73
CAH EES E . -2.63 -16.28 3.09
CAI EES E . -1.38 -15.77 3.39
CAQ EES E . -0.81 -15.98 4.65
NAL EES E . 0.37 -15.60 5.21
NAS EES E . 0.37 -16.12 6.51
CAO EES E . 1.40 -15.90 7.35
CAF EES E . 1.60 -16.58 8.58
CAD EES E . 2.71 -16.36 9.38
CAG EES E . 2.40 -14.99 7.00
CAE EES E . 3.51 -14.75 7.79
CAM EES E . 3.67 -15.43 8.99
OAB EES E . 4.68 -15.22 9.69
CL1 EES F . -16.00 4.04 -10.55
CAP EES F . -15.45 4.25 -8.80
CAR EES F . -15.77 3.34 -7.83
CAJ EES F . -16.52 2.16 -7.89
CAN EES F . -16.68 1.43 -6.73
OAC EES F . -17.42 0.28 -6.74
CAH EES F . -16.11 1.87 -5.54
CAI EES F . -15.37 3.05 -5.49
CAQ EES F . -15.18 3.79 -6.66
NAL EES F . -14.52 4.96 -6.91
NAS EES F . -14.71 5.23 -8.28
CAO EES F . -14.18 6.32 -8.86
CAF EES F . -14.52 6.75 -10.16
CAD EES F . -13.96 7.88 -10.75
CAG EES F . -13.21 7.09 -8.21
CAE EES F . -12.63 8.23 -8.78
CAM EES F . -13.01 8.62 -10.06
OAB EES F . -12.49 9.63 -10.57
#